data_1GKZ
#
_entry.id   1GKZ
#
_cell.length_a   128.917
_cell.length_b   128.917
_cell.length_c   74.105
_cell.angle_alpha   90.00
_cell.angle_beta   90.00
_cell.angle_gamma   90.00
#
_symmetry.space_group_name_H-M   'P 42 21 2'
#
loop_
_entity.id
_entity.type
_entity.pdbx_description
1 polymer '[3-METHYL-2-OXOBUTANOATE DEHYDROGENASE [LIPOAMIDE]] KINASE'
2 non-polymer 'MAGNESIUM ION'
3 non-polymer 'POTASSIUM ION'
4 non-polymer XENON
5 non-polymer "ADENOSINE-5'-DIPHOSPHATE"
6 non-polymer 'CHLORIDE ION'
7 water water
#
_entity_poly.entity_id   1
_entity_poly.type   'polypeptide(L)'
_entity_poly.pdbx_seq_one_letter_code
;STSATDTHHVELARERSKTVTSFYNQSAIDVVAEKPSVRLTPTMMLYSGRSQDGSHLLKSGRYLQQELPVRIAHRIKGFR
SLPFIIGCNPTILHVHELYIRAFQKLTDFPPIKDQADEAQYCQLVRQLLDDHKDVVTLLAEGLRESRKHIEDEKLVRYFL
DKTLTSRLGIRMLATHHLALHEDKPDFVGIICTRLSPKKIIEKWVDFARRLCEHKYGNAPRVRINGHVAARFPFIPMPLD
YILPELLKNAMRATMESHLDTPYNVPDVVITIANNDVDLIIRISDRGGGIAHKDLDRVMDYHFTTAEASTQDPRISPLFG
HLDMHSGGQSGPMHGFGFGLPTSRAYAEYLGGSLQLQSLQGIGTDVYLRLRHIDGREESFRIHHHHHH
;
_entity_poly.pdbx_strand_id   A
#
# COMPACT_ATOMS: atom_id res chain seq x y z
N VAL A 38 -15.97 14.33 -3.95
CA VAL A 38 -15.04 14.97 -4.92
C VAL A 38 -14.27 13.87 -5.68
N ARG A 39 -13.11 13.47 -5.15
CA ARG A 39 -12.33 12.42 -5.77
C ARG A 39 -12.79 11.17 -5.05
N LEU A 40 -13.18 10.13 -5.77
CA LEU A 40 -13.64 8.90 -5.14
C LEU A 40 -12.57 7.83 -5.30
N THR A 41 -12.80 6.66 -4.71
CA THR A 41 -11.85 5.57 -4.84
C THR A 41 -12.54 4.19 -4.73
N PRO A 42 -12.96 3.76 -3.51
CA PRO A 42 -13.65 2.45 -3.43
C PRO A 42 -15.13 2.73 -3.14
N THR A 43 -15.37 3.50 -2.08
CA THR A 43 -16.69 3.95 -1.62
C THR A 43 -16.37 5.08 -0.64
N MET A 44 -15.09 5.45 -0.61
CA MET A 44 -14.60 6.52 0.25
C MET A 44 -14.43 7.76 -0.64
N MET A 45 -14.53 8.93 -0.03
CA MET A 45 -14.39 10.19 -0.75
C MET A 45 -13.31 11.08 -0.18
N LEU A 46 -12.48 11.65 -1.05
CA LEU A 46 -11.45 12.58 -0.62
C LEU A 46 -11.94 13.97 -1.05
N TYR A 47 -12.28 14.79 -0.07
CA TYR A 47 -12.81 16.13 -0.32
C TYR A 47 -11.83 17.19 -0.84
N SER A 48 -12.26 17.84 -1.93
CA SER A 48 -11.48 18.91 -2.55
C SER A 48 -12.03 20.19 -1.91
N GLY A 49 -11.36 20.62 -0.84
CA GLY A 49 -11.78 21.78 -0.08
C GLY A 49 -11.82 23.19 -0.63
N ARG A 50 -13.04 23.71 -0.78
CA ARG A 50 -13.25 25.07 -1.25
C ARG A 50 -12.85 25.99 -0.09
N SER A 51 -11.63 25.79 0.39
CA SER A 51 -11.02 26.52 1.52
C SER A 51 -11.87 27.64 2.15
N GLN A 52 -11.50 28.88 1.86
CA GLN A 52 -12.20 30.05 2.38
C GLN A 52 -12.03 30.25 3.89
N ASP A 53 -13.15 30.23 4.62
CA ASP A 53 -13.14 30.40 6.08
C ASP A 53 -13.00 29.06 6.76
N GLY A 54 -11.92 28.33 6.46
CA GLY A 54 -11.66 27.03 7.06
C GLY A 54 -12.92 26.24 7.27
N SER A 55 -13.92 26.55 6.46
CA SER A 55 -15.21 25.92 6.52
C SER A 55 -15.22 24.50 5.98
N HIS A 56 -14.52 24.29 4.85
CA HIS A 56 -14.44 22.98 4.19
C HIS A 56 -13.88 21.94 5.15
N LEU A 57 -13.01 22.40 6.06
CA LEU A 57 -12.40 21.55 7.05
C LEU A 57 -13.41 20.89 7.97
N LEU A 58 -14.46 21.64 8.32
CA LEU A 58 -15.50 21.13 9.23
C LEU A 58 -16.31 20.08 8.53
N LYS A 59 -16.60 20.31 7.25
CA LYS A 59 -17.39 19.37 6.47
C LYS A 59 -16.59 18.04 6.32
N SER A 60 -15.28 18.15 6.12
CA SER A 60 -14.39 16.98 5.97
C SER A 60 -14.19 16.25 7.31
N GLY A 61 -14.04 17.03 8.38
CA GLY A 61 -13.85 16.44 9.70
C GLY A 61 -15.08 15.66 10.10
N ARG A 62 -16.24 16.23 9.82
CA ARG A 62 -17.48 15.56 10.16
C ARG A 62 -17.61 14.30 9.35
N TYR A 63 -17.20 14.34 8.08
CA TYR A 63 -17.28 13.14 7.24
C TYR A 63 -16.33 12.05 7.82
N LEU A 64 -15.10 12.43 8.06
CA LEU A 64 -14.11 11.52 8.62
C LEU A 64 -14.64 10.94 9.95
N GLN A 65 -15.24 11.80 10.78
CA GLN A 65 -15.76 11.38 12.08
C GLN A 65 -16.95 10.41 11.98
N GLN A 66 -17.70 10.44 10.89
CA GLN A 66 -18.82 9.51 10.73
C GLN A 66 -18.35 8.24 10.03
N GLU A 67 -17.24 8.36 9.32
CA GLU A 67 -16.70 7.26 8.54
C GLU A 67 -15.77 6.30 9.27
N LEU A 68 -14.84 6.82 10.06
CA LEU A 68 -13.88 5.99 10.77
C LEU A 68 -14.41 4.93 11.73
N PRO A 69 -15.43 5.26 12.54
CA PRO A 69 -15.88 4.21 13.47
C PRO A 69 -16.58 3.02 12.80
N VAL A 70 -17.27 3.30 11.69
CA VAL A 70 -17.93 2.25 10.93
C VAL A 70 -16.86 1.33 10.34
N ARG A 71 -15.81 1.90 9.76
CA ARG A 71 -14.78 1.06 9.18
C ARG A 71 -14.04 0.28 10.27
N ILE A 72 -13.83 0.92 11.42
CA ILE A 72 -13.15 0.23 12.51
C ILE A 72 -14.06 -0.95 12.98
N ALA A 73 -15.35 -0.72 13.12
CA ALA A 73 -16.23 -1.80 13.56
C ALA A 73 -16.19 -3.02 12.64
N HIS A 74 -16.22 -2.79 11.34
CA HIS A 74 -16.17 -3.88 10.39
C HIS A 74 -14.96 -4.73 10.61
N ARG A 75 -13.82 -4.13 10.90
CA ARG A 75 -12.63 -4.93 11.16
C ARG A 75 -12.72 -5.66 12.53
N ILE A 76 -13.42 -5.08 13.50
CA ILE A 76 -13.56 -5.79 14.78
C ILE A 76 -14.40 -7.08 14.54
N LYS A 77 -15.42 -6.96 13.68
CA LYS A 77 -16.27 -8.11 13.32
C LYS A 77 -15.37 -9.15 12.68
N GLY A 78 -14.37 -8.66 11.92
CA GLY A 78 -13.41 -9.55 11.26
C GLY A 78 -12.60 -10.34 12.29
N PHE A 79 -12.08 -9.67 13.32
CA PHE A 79 -11.35 -10.42 14.34
C PHE A 79 -12.31 -11.37 15.10
N ARG A 80 -13.55 -10.95 15.36
CA ARG A 80 -14.49 -11.83 16.08
C ARG A 80 -14.83 -13.13 15.37
N SER A 81 -14.68 -13.13 14.05
N SER A 81 -14.71 -13.16 14.04
CA SER A 81 -15.02 -14.29 13.28
CA SER A 81 -15.04 -14.36 13.30
C SER A 81 -13.84 -15.15 12.86
C SER A 81 -13.84 -15.24 12.98
N LEU A 82 -12.65 -14.74 13.27
CA LEU A 82 -11.42 -15.50 12.99
C LEU A 82 -11.49 -16.85 13.73
N PRO A 83 -10.86 -17.87 13.19
CA PRO A 83 -10.90 -19.13 13.92
C PRO A 83 -10.46 -18.91 15.36
N PHE A 84 -11.18 -19.53 16.28
CA PHE A 84 -10.89 -19.39 17.68
C PHE A 84 -9.41 -19.55 18.01
N ILE A 85 -8.79 -20.59 17.48
CA ILE A 85 -7.41 -20.83 17.85
C ILE A 85 -6.45 -19.74 17.34
N ILE A 86 -6.74 -19.14 16.19
CA ILE A 86 -5.94 -18.04 15.66
C ILE A 86 -6.22 -16.78 16.49
N GLY A 87 -7.49 -16.53 16.76
CA GLY A 87 -7.90 -15.36 17.53
C GLY A 87 -7.38 -15.32 18.94
N CYS A 88 -7.03 -16.48 19.50
CA CYS A 88 -6.46 -16.58 20.86
C CYS A 88 -4.95 -16.33 20.90
N ASN A 89 -4.31 -16.27 19.74
CA ASN A 89 -2.88 -15.94 19.70
C ASN A 89 -2.70 -14.55 20.30
N PRO A 90 -1.74 -14.37 21.22
CA PRO A 90 -1.36 -13.14 21.96
C PRO A 90 -1.26 -11.86 21.13
N THR A 91 -0.48 -11.93 20.06
CA THR A 91 -0.29 -10.78 19.19
C THR A 91 -1.58 -10.45 18.52
N ILE A 92 -2.26 -11.49 17.98
CA ILE A 92 -3.54 -11.23 17.32
C ILE A 92 -4.51 -10.56 18.32
N LEU A 93 -4.52 -11.04 19.56
CA LEU A 93 -5.40 -10.43 20.58
C LEU A 93 -5.04 -8.97 20.81
N HIS A 94 -3.73 -8.71 20.88
CA HIS A 94 -3.26 -7.33 21.09
C HIS A 94 -3.82 -6.50 19.98
N VAL A 95 -3.64 -6.94 18.72
CA VAL A 95 -4.17 -6.10 17.65
C VAL A 95 -5.68 -5.94 17.75
N HIS A 96 -6.35 -7.03 18.10
CA HIS A 96 -7.82 -7.00 18.28
C HIS A 96 -8.13 -5.92 19.33
N GLU A 97 -7.42 -5.93 20.44
CA GLU A 97 -7.64 -4.90 21.48
C GLU A 97 -7.36 -3.46 21.00
N LEU A 98 -6.38 -3.26 20.10
CA LEU A 98 -6.12 -1.91 19.57
C LEU A 98 -7.32 -1.46 18.80
N TYR A 99 -7.86 -2.35 17.97
CA TYR A 99 -9.03 -1.89 17.22
C TYR A 99 -10.21 -1.54 18.15
N ILE A 100 -10.43 -2.30 19.22
CA ILE A 100 -11.57 -2.00 20.15
C ILE A 100 -11.33 -0.64 20.76
N ARG A 101 -10.10 -0.43 21.24
CA ARG A 101 -9.73 0.85 21.87
C ARG A 101 -9.92 2.01 20.92
N ALA A 102 -9.48 1.82 19.70
CA ALA A 102 -9.63 2.90 18.74
C ALA A 102 -11.12 3.16 18.53
N PHE A 103 -11.92 2.12 18.41
CA PHE A 103 -13.36 2.32 18.22
C PHE A 103 -13.92 3.09 19.40
N GLN A 104 -13.48 2.75 20.60
CA GLN A 104 -14.00 3.47 21.77
C GLN A 104 -13.61 4.97 21.78
N LYS A 105 -12.33 5.29 21.57
CA LYS A 105 -11.94 6.71 21.58
C LYS A 105 -12.68 7.47 20.50
N LEU A 106 -12.86 6.86 19.34
CA LEU A 106 -13.54 7.54 18.23
C LEU A 106 -14.99 7.76 18.58
N THR A 107 -15.59 6.75 19.19
CA THR A 107 -16.99 6.83 19.55
C THR A 107 -17.21 7.86 20.65
N ASP A 108 -16.24 8.00 21.55
CA ASP A 108 -16.35 8.96 22.65
C ASP A 108 -16.06 10.42 22.30
N PHE A 109 -15.61 10.68 21.06
CA PHE A 109 -15.29 12.07 20.71
C PHE A 109 -16.62 12.63 20.32
N PRO A 110 -16.93 13.84 20.80
CA PRO A 110 -18.21 14.50 20.49
C PRO A 110 -18.28 15.01 19.07
N PRO A 111 -19.51 15.11 18.53
CA PRO A 111 -19.69 15.60 17.17
C PRO A 111 -18.93 16.91 17.02
N ILE A 112 -18.23 17.04 15.89
CA ILE A 112 -17.46 18.26 15.60
C ILE A 112 -18.41 19.41 15.33
N LYS A 113 -18.33 20.45 16.18
CA LYS A 113 -19.17 21.64 16.04
C LYS A 113 -18.42 22.88 15.57
N ASP A 114 -17.10 22.89 15.72
CA ASP A 114 -16.35 24.06 15.33
C ASP A 114 -14.86 23.76 15.16
N GLN A 115 -14.14 24.75 14.67
CA GLN A 115 -12.71 24.62 14.44
C GLN A 115 -12.03 24.09 15.65
N ALA A 116 -12.49 24.53 16.81
CA ALA A 116 -11.93 24.04 18.09
C ALA A 116 -12.02 22.51 18.17
N ASP A 117 -13.18 21.95 17.82
CA ASP A 117 -13.39 20.50 17.86
C ASP A 117 -12.52 19.76 16.78
N GLU A 118 -12.72 20.16 15.53
CA GLU A 118 -11.99 19.59 14.39
C GLU A 118 -10.51 19.51 14.74
N ALA A 119 -9.98 20.51 15.41
CA ALA A 119 -8.57 20.48 15.73
C ALA A 119 -8.20 19.47 16.79
N GLN A 120 -9.08 19.24 17.76
CA GLN A 120 -8.72 18.25 18.76
C GLN A 120 -8.97 16.87 18.13
N TYR A 121 -9.94 16.77 17.24
CA TYR A 121 -10.17 15.50 16.56
C TYR A 121 -8.87 15.09 15.77
N CYS A 122 -8.24 16.07 15.09
CA CYS A 122 -7.00 15.80 14.35
C CYS A 122 -5.98 15.27 15.32
N GLN A 123 -5.97 15.73 16.56
CA GLN A 123 -5.00 15.16 17.50
C GLN A 123 -5.36 13.70 17.81
N LEU A 124 -6.67 13.39 17.81
CA LEU A 124 -7.10 12.01 18.10
C LEU A 124 -6.65 11.12 16.92
N VAL A 125 -7.00 11.53 15.70
CA VAL A 125 -6.65 10.79 14.49
C VAL A 125 -5.15 10.51 14.41
N ARG A 126 -4.35 11.50 14.76
CA ARG A 126 -2.90 11.35 14.75
C ARG A 126 -2.45 10.34 15.74
N GLN A 127 -2.97 10.43 16.98
CA GLN A 127 -2.60 9.47 18.02
C GLN A 127 -2.94 8.04 17.53
N LEU A 128 -4.08 7.86 16.87
CA LEU A 128 -4.51 6.52 16.39
C LEU A 128 -3.61 6.01 15.25
N LEU A 129 -3.35 6.85 14.25
CA LEU A 129 -2.45 6.44 13.17
C LEU A 129 -1.14 5.97 13.78
N ASP A 130 -0.58 6.72 14.73
CA ASP A 130 0.68 6.31 15.37
C ASP A 130 0.54 5.00 16.18
N ASP A 131 -0.50 4.91 17.01
CA ASP A 131 -0.73 3.70 17.78
C ASP A 131 -0.85 2.44 16.89
N HIS A 132 -1.38 2.60 15.69
CA HIS A 132 -1.55 1.47 14.77
C HIS A 132 -0.43 1.31 13.75
N LYS A 133 0.72 1.90 14.07
CA LYS A 133 1.88 1.90 13.17
C LYS A 133 2.40 0.49 12.85
N ASP A 134 2.60 -0.35 13.85
CA ASP A 134 3.12 -1.67 13.55
C ASP A 134 2.06 -2.75 13.47
N VAL A 135 0.89 -2.42 12.93
CA VAL A 135 -0.17 -3.41 12.84
C VAL A 135 0.04 -4.49 11.77
N VAL A 136 0.36 -4.13 10.52
CA VAL A 136 0.62 -5.14 9.48
C VAL A 136 1.73 -6.09 9.95
N THR A 137 2.73 -5.54 10.63
CA THR A 137 3.83 -6.36 11.08
C THR A 137 3.38 -7.33 12.15
N LEU A 138 2.57 -6.84 13.07
CA LEU A 138 2.05 -7.68 14.15
C LEU A 138 1.13 -8.75 13.60
N LEU A 139 0.27 -8.38 12.64
CA LEU A 139 -0.64 -9.36 12.04
C LEU A 139 0.21 -10.49 11.41
N ALA A 140 1.16 -10.13 10.55
CA ALA A 140 1.97 -11.15 9.92
C ALA A 140 2.62 -12.07 10.97
N GLU A 141 3.19 -11.52 12.03
CA GLU A 141 3.80 -12.39 13.03
C GLU A 141 2.75 -13.28 13.72
N GLY A 142 1.68 -12.66 14.18
CA GLY A 142 0.65 -13.42 14.84
C GLY A 142 0.15 -14.57 13.99
N LEU A 143 -0.12 -14.30 12.72
CA LEU A 143 -0.66 -15.30 11.83
C LEU A 143 0.36 -16.32 11.34
N ARG A 144 1.64 -15.95 11.39
CA ARG A 144 2.69 -16.83 10.91
C ARG A 144 2.58 -18.18 11.58
N GLU A 145 2.65 -18.21 12.91
CA GLU A 145 2.51 -19.47 13.65
C GLU A 145 1.10 -20.06 13.36
N SER A 146 -0.07 -19.51 13.70
CA SER A 146 -1.43 -20.09 13.51
C SER A 146 -1.78 -20.53 12.03
N ARG A 147 -1.55 -21.82 11.79
CA ARG A 147 -1.73 -22.63 10.60
C ARG A 147 -0.57 -23.65 10.50
N LYS A 148 -0.35 -24.22 11.71
CA LYS A 148 0.43 -25.44 12.09
C LYS A 148 -0.80 -25.96 12.78
N HIS A 149 -1.43 -24.95 13.34
CA HIS A 149 -2.66 -25.16 14.01
C HIS A 149 -3.90 -25.08 12.90
N ILE A 150 -3.84 -24.28 11.73
CA ILE A 150 -4.81 -23.94 10.53
C ILE A 150 -6.34 -24.15 10.45
N GLU A 151 -6.95 -23.66 9.29
CA GLU A 151 -8.40 -23.66 9.00
C GLU A 151 -8.73 -23.22 7.54
N ASP A 152 -9.84 -23.68 6.90
CA ASP A 152 -10.14 -23.29 5.51
C ASP A 152 -8.94 -22.66 4.80
N GLU A 153 -8.31 -23.40 3.91
CA GLU A 153 -7.13 -22.94 3.16
C GLU A 153 -7.10 -21.44 2.84
N LYS A 154 -7.96 -20.90 2.22
CA LYS A 154 -8.18 -19.52 1.76
C LYS A 154 -8.76 -18.53 2.80
N LEU A 155 -9.15 -19.06 3.95
CA LEU A 155 -9.72 -18.24 5.01
C LEU A 155 -8.86 -17.07 5.51
N VAL A 156 -7.59 -17.32 5.75
CA VAL A 156 -6.71 -16.26 6.19
C VAL A 156 -6.43 -15.19 5.10
N ARG A 157 -6.10 -15.61 3.88
CA ARG A 157 -5.84 -14.67 2.79
C ARG A 157 -7.01 -13.69 2.68
N TYR A 158 -8.23 -14.22 2.75
CA TYR A 158 -9.40 -13.37 2.67
C TYR A 158 -9.40 -12.34 3.80
N PHE A 159 -8.96 -12.78 4.99
CA PHE A 159 -8.93 -11.93 6.16
C PHE A 159 -7.86 -10.85 6.00
N LEU A 160 -6.64 -11.24 5.65
CA LEU A 160 -5.58 -10.26 5.47
C LEU A 160 -5.86 -9.28 4.32
N ASP A 161 -6.46 -9.77 3.23
CA ASP A 161 -6.74 -8.87 2.11
C ASP A 161 -7.70 -7.77 2.61
N LYS A 162 -8.77 -8.25 3.26
CA LYS A 162 -9.82 -7.40 3.77
C LYS A 162 -9.36 -6.43 4.87
N THR A 163 -8.41 -6.87 5.70
CA THR A 163 -7.93 -6.03 6.76
C THR A 163 -6.89 -5.01 6.32
N LEU A 164 -5.93 -5.44 5.51
CA LEU A 164 -4.89 -4.55 5.01
C LEU A 164 -5.43 -3.43 4.11
N THR A 165 -6.42 -3.75 3.27
CA THR A 165 -6.93 -2.74 2.39
C THR A 165 -7.86 -1.78 3.13
N SER A 166 -8.54 -2.24 4.20
CA SER A 166 -9.42 -1.37 4.97
C SER A 166 -8.48 -0.44 5.68
N ARG A 167 -7.39 -0.96 6.15
CA ARG A 167 -6.43 -0.14 6.81
C ARG A 167 -5.96 0.99 5.83
N LEU A 168 -5.50 0.60 4.62
CA LEU A 168 -5.05 1.58 3.62
C LEU A 168 -6.09 2.69 3.43
N GLY A 169 -7.33 2.29 3.19
CA GLY A 169 -8.42 3.24 2.99
C GLY A 169 -8.63 4.18 4.15
N ILE A 170 -8.49 3.69 5.39
CA ILE A 170 -8.66 4.51 6.60
C ILE A 170 -7.51 5.49 6.68
N ARG A 171 -6.32 5.02 6.37
N ARG A 171 -6.31 5.02 6.36
CA ARG A 171 -5.15 5.88 6.40
CA ARG A 171 -5.16 5.89 6.42
C ARG A 171 -5.23 6.95 5.29
C ARG A 171 -5.21 6.94 5.29
N MET A 172 -5.84 6.59 4.17
CA MET A 172 -5.95 7.56 3.06
C MET A 172 -6.91 8.67 3.50
N LEU A 173 -8.07 8.28 4.01
CA LEU A 173 -9.07 9.24 4.51
C LEU A 173 -8.46 10.15 5.56
N ALA A 174 -7.87 9.54 6.57
CA ALA A 174 -7.27 10.24 7.70
C ALA A 174 -6.15 11.17 7.28
N THR A 175 -5.20 10.66 6.51
CA THR A 175 -4.06 11.46 6.05
C THR A 175 -4.52 12.61 5.18
N HIS A 176 -5.58 12.39 4.42
CA HIS A 176 -6.13 13.42 3.56
C HIS A 176 -6.76 14.58 4.38
N HIS A 177 -7.51 14.25 5.43
CA HIS A 177 -8.09 15.31 6.25
C HIS A 177 -6.93 16.08 6.90
N LEU A 178 -6.03 15.35 7.50
CA LEU A 178 -4.91 16.02 8.10
C LEU A 178 -4.21 16.96 7.12
N ALA A 179 -3.94 16.46 5.90
CA ALA A 179 -3.22 17.22 4.90
C ALA A 179 -4.00 18.43 4.40
N LEU A 180 -5.33 18.39 4.50
CA LEU A 180 -6.15 19.52 4.08
C LEU A 180 -5.86 20.77 4.92
N HIS A 181 -5.04 20.63 5.97
CA HIS A 181 -4.72 21.80 6.80
C HIS A 181 -3.56 22.49 6.14
N GLU A 182 -2.53 21.71 5.82
CA GLU A 182 -1.31 22.22 5.19
C GLU A 182 -1.47 22.85 3.79
N ASP A 183 -0.44 23.54 3.34
CA ASP A 183 -0.48 24.13 2.02
C ASP A 183 0.85 23.82 1.37
N LYS A 184 0.83 22.70 0.66
CA LYS A 184 1.98 22.16 -0.04
C LYS A 184 1.72 22.43 -1.53
N PRO A 185 2.76 22.84 -2.26
CA PRO A 185 2.51 23.10 -3.69
C PRO A 185 2.14 21.80 -4.45
N ASP A 186 1.16 21.91 -5.36
CA ASP A 186 0.69 20.81 -6.22
C ASP A 186 -0.14 19.72 -5.52
N PHE A 187 -0.68 20.04 -4.34
CA PHE A 187 -1.52 19.08 -3.60
C PHE A 187 -2.81 19.64 -3.04
N VAL A 188 -3.84 18.82 -3.05
CA VAL A 188 -5.10 19.16 -2.41
C VAL A 188 -5.15 17.99 -1.43
N GLY A 189 -4.68 18.18 -0.20
CA GLY A 189 -4.70 17.10 0.76
C GLY A 189 -3.63 16.08 0.34
N ILE A 190 -4.01 14.82 0.12
CA ILE A 190 -3.02 13.81 -0.28
C ILE A 190 -3.06 13.62 -1.80
N ILE A 191 -3.91 14.39 -2.45
CA ILE A 191 -4.05 14.30 -3.88
C ILE A 191 -3.10 15.19 -4.64
N CYS A 192 -2.12 14.63 -5.35
CA CYS A 192 -1.20 15.50 -6.13
C CYS A 192 -1.95 15.93 -7.40
N THR A 193 -1.98 17.23 -7.69
CA THR A 193 -2.73 17.64 -8.90
C THR A 193 -1.99 17.43 -10.25
N ARG A 194 -0.68 17.26 -10.22
CA ARG A 194 0.08 17.07 -11.46
C ARG A 194 1.19 16.05 -11.18
N LEU A 195 0.82 14.84 -10.77
CA LEU A 195 1.85 13.86 -10.47
C LEU A 195 2.57 13.33 -11.71
N SER A 196 3.88 13.18 -11.59
CA SER A 196 4.72 12.63 -12.65
C SER A 196 5.06 11.19 -12.29
N PRO A 197 4.56 10.20 -13.06
CA PRO A 197 4.94 8.83 -12.67
C PRO A 197 6.45 8.64 -12.76
N LYS A 198 7.08 9.20 -13.78
CA LYS A 198 8.54 9.06 -13.86
C LYS A 198 9.18 9.59 -12.58
N LYS A 199 8.71 10.72 -12.07
CA LYS A 199 9.36 11.24 -10.87
C LYS A 199 9.13 10.38 -9.63
N ILE A 200 7.93 9.85 -9.45
CA ILE A 200 7.72 9.03 -8.25
C ILE A 200 8.48 7.70 -8.37
N ILE A 201 8.63 7.24 -9.61
CA ILE A 201 9.36 5.98 -9.85
C ILE A 201 10.82 6.20 -9.48
N GLU A 202 11.41 7.28 -9.97
CA GLU A 202 12.83 7.60 -9.66
C GLU A 202 13.05 7.74 -8.15
N LYS A 203 12.12 8.37 -7.47
CA LYS A 203 12.25 8.48 -6.02
C LYS A 203 12.43 7.08 -5.43
N TRP A 204 11.54 6.15 -5.79
CA TRP A 204 11.67 4.81 -5.24
C TRP A 204 12.83 3.99 -5.79
N VAL A 205 13.31 4.33 -7.00
CA VAL A 205 14.46 3.63 -7.58
C VAL A 205 15.70 3.90 -6.68
N ASP A 206 15.97 5.19 -6.41
CA ASP A 206 17.09 5.59 -5.53
C ASP A 206 17.02 4.86 -4.18
N PHE A 207 15.85 4.85 -3.57
CA PHE A 207 15.61 4.15 -2.30
C PHE A 207 16.00 2.68 -2.40
N ALA A 208 15.36 1.95 -3.32
CA ALA A 208 15.63 0.53 -3.50
C ALA A 208 17.08 0.25 -3.89
N ARG A 209 17.65 1.05 -4.77
CA ARG A 209 19.03 0.82 -5.17
C ARG A 209 19.93 0.92 -3.96
N ARG A 210 19.66 1.85 -3.05
CA ARG A 210 20.46 1.96 -1.83
C ARG A 210 20.30 0.73 -0.93
N LEU A 211 19.08 0.22 -0.73
CA LEU A 211 18.96 -0.98 0.11
C LEU A 211 19.77 -2.11 -0.53
N CYS A 212 19.66 -2.21 -1.86
CA CYS A 212 20.35 -3.24 -2.62
C CYS A 212 21.89 -3.07 -2.58
N GLU A 213 22.42 -1.86 -2.74
CA GLU A 213 23.88 -1.68 -2.71
C GLU A 213 24.45 -2.01 -1.32
N HIS A 214 23.74 -1.60 -0.28
CA HIS A 214 24.19 -1.87 1.07
C HIS A 214 24.31 -3.39 1.30
N LYS A 215 23.42 -4.14 0.64
CA LYS A 215 23.41 -5.58 0.80
C LYS A 215 24.27 -6.37 -0.16
N TYR A 216 24.40 -5.93 -1.40
CA TYR A 216 25.17 -6.69 -2.39
C TYR A 216 26.38 -5.93 -2.88
N GLY A 217 26.47 -4.66 -2.60
CA GLY A 217 27.65 -3.96 -3.06
C GLY A 217 27.47 -3.32 -4.40
N ASN A 218 26.30 -3.51 -4.98
CA ASN A 218 25.96 -2.93 -6.28
C ASN A 218 24.45 -3.07 -6.45
N ALA A 219 23.91 -2.44 -7.48
CA ALA A 219 22.47 -2.55 -7.71
C ALA A 219 22.22 -2.36 -9.18
N PRO A 220 21.19 -3.02 -9.71
CA PRO A 220 21.02 -2.78 -11.13
C PRO A 220 20.60 -1.36 -11.36
N ARG A 221 20.95 -0.80 -12.51
CA ARG A 221 20.49 0.51 -12.86
C ARG A 221 19.06 0.29 -13.39
N VAL A 222 18.25 1.35 -13.37
CA VAL A 222 16.89 1.27 -13.81
C VAL A 222 16.67 2.27 -14.91
N ARG A 223 16.25 1.79 -16.08
N ARG A 223 16.21 1.78 -16.06
CA ARG A 223 15.98 2.68 -17.21
CA ARG A 223 15.94 2.60 -17.23
C ARG A 223 14.45 2.82 -17.26
C ARG A 223 14.42 2.79 -17.29
N ILE A 224 13.97 4.00 -17.59
CA ILE A 224 12.54 4.27 -17.67
C ILE A 224 12.13 4.73 -19.06
N ASN A 225 11.08 4.16 -19.68
CA ASN A 225 10.65 4.59 -21.02
C ASN A 225 9.16 4.64 -21.12
N GLY A 226 8.66 4.98 -22.29
CA GLY A 226 7.22 5.11 -22.48
C GLY A 226 6.80 6.56 -22.26
N HIS A 227 5.64 6.79 -21.65
CA HIS A 227 5.17 8.16 -21.46
C HIS A 227 5.86 8.83 -20.25
N VAL A 228 7.16 9.08 -20.39
CA VAL A 228 7.95 9.66 -19.31
C VAL A 228 7.65 11.11 -18.99
N ALA A 229 6.81 11.74 -19.79
CA ALA A 229 6.46 13.14 -19.60
C ALA A 229 5.04 13.28 -19.06
N ALA A 230 4.37 12.18 -18.80
CA ALA A 230 2.98 12.28 -18.33
C ALA A 230 2.91 13.03 -16.99
N ARG A 231 1.83 13.78 -16.83
CA ARG A 231 1.56 14.47 -15.58
C ARG A 231 0.07 14.46 -15.49
N PHE A 232 -0.45 14.03 -14.35
CA PHE A 232 -1.89 14.00 -14.16
C PHE A 232 -2.22 13.97 -12.66
N PRO A 233 -3.52 14.20 -12.30
CA PRO A 233 -4.01 14.19 -10.92
C PRO A 233 -3.92 12.75 -10.46
N PHE A 234 -3.32 12.54 -9.29
CA PHE A 234 -3.20 11.16 -8.84
C PHE A 234 -2.87 11.16 -7.35
N ILE A 235 -3.20 10.08 -6.64
CA ILE A 235 -2.89 10.03 -5.20
C ILE A 235 -1.61 9.23 -5.10
N PRO A 236 -0.53 9.81 -4.61
CA PRO A 236 0.63 8.91 -4.62
C PRO A 236 0.81 7.80 -3.52
N MET A 237 0.05 7.89 -2.42
CA MET A 237 0.18 6.94 -1.30
C MET A 237 0.29 5.47 -1.69
N PRO A 238 -0.68 4.92 -2.46
CA PRO A 238 -0.51 3.50 -2.80
C PRO A 238 0.79 3.23 -3.58
N LEU A 239 1.11 4.10 -4.55
CA LEU A 239 2.34 3.92 -5.32
C LEU A 239 3.50 3.92 -4.32
N ASP A 240 3.42 4.76 -3.29
CA ASP A 240 4.48 4.78 -2.27
C ASP A 240 4.63 3.43 -1.55
N TYR A 241 3.61 2.60 -1.55
CA TYR A 241 3.87 1.29 -0.94
C TYR A 241 4.31 0.27 -2.02
N ILE A 242 3.51 0.19 -3.09
CA ILE A 242 3.78 -0.76 -4.16
C ILE A 242 5.12 -0.68 -4.88
N LEU A 243 5.46 0.49 -5.38
CA LEU A 243 6.70 0.66 -6.13
C LEU A 243 7.94 0.16 -5.44
N PRO A 244 8.17 0.54 -4.16
CA PRO A 244 9.39 0.02 -3.52
C PRO A 244 9.29 -1.50 -3.33
N GLU A 245 8.11 -2.03 -3.10
CA GLU A 245 8.03 -3.49 -2.96
C GLU A 245 8.44 -4.13 -4.31
N LEU A 246 7.91 -3.64 -5.42
CA LEU A 246 8.23 -4.28 -6.70
C LEU A 246 9.70 -4.13 -7.11
N LEU A 247 10.26 -2.97 -6.83
CA LEU A 247 11.65 -2.71 -7.13
C LEU A 247 12.57 -3.56 -6.23
N LYS A 248 12.18 -3.76 -4.97
CA LYS A 248 13.01 -4.58 -4.08
C LYS A 248 13.06 -5.99 -4.65
N ASN A 249 11.90 -6.52 -5.07
CA ASN A 249 11.84 -7.85 -5.67
C ASN A 249 12.69 -7.95 -6.92
N ALA A 250 12.58 -6.95 -7.80
CA ALA A 250 13.33 -7.02 -9.04
C ALA A 250 14.83 -6.96 -8.84
N MET A 251 15.27 -6.08 -7.94
CA MET A 251 16.71 -5.92 -7.68
C MET A 251 17.30 -7.15 -7.02
N ARG A 252 16.61 -7.69 -6.04
CA ARG A 252 17.12 -8.88 -5.39
C ARG A 252 17.25 -10.03 -6.38
N ALA A 253 16.19 -10.31 -7.13
CA ALA A 253 16.22 -11.43 -8.05
C ALA A 253 17.37 -11.23 -9.04
N THR A 254 17.61 -9.98 -9.42
CA THR A 254 18.69 -9.74 -10.34
C THR A 254 20.03 -10.04 -9.67
N MET A 255 20.25 -9.50 -8.47
N MET A 255 20.25 -9.52 -8.47
CA MET A 255 21.53 -9.73 -7.78
CA MET A 255 21.52 -9.76 -7.77
C MET A 255 21.71 -11.22 -7.52
C MET A 255 21.74 -11.23 -7.49
N GLU A 256 20.74 -11.87 -6.88
CA GLU A 256 20.81 -13.30 -6.54
C GLU A 256 21.10 -14.25 -7.71
N SER A 257 20.85 -13.79 -8.95
CA SER A 257 21.05 -14.62 -10.14
C SER A 257 22.28 -14.20 -10.92
N HIS A 258 23.07 -13.32 -10.32
CA HIS A 258 24.29 -12.89 -10.97
C HIS A 258 25.44 -12.86 -9.97
N LEU A 259 25.50 -13.89 -9.14
CA LEU A 259 26.52 -14.01 -8.13
C LEU A 259 27.94 -14.00 -8.67
N ASP A 260 28.13 -14.33 -9.94
CA ASP A 260 29.46 -14.35 -10.51
C ASP A 260 29.93 -12.97 -10.94
N THR A 261 29.01 -12.05 -11.20
CA THR A 261 29.43 -10.73 -11.61
C THR A 261 28.60 -9.64 -10.95
N PRO A 262 28.70 -9.55 -9.61
CA PRO A 262 27.92 -8.54 -8.88
C PRO A 262 28.22 -7.14 -9.38
N TYR A 263 29.38 -6.98 -10.01
CA TYR A 263 29.77 -5.66 -10.55
C TYR A 263 29.18 -5.33 -11.90
N ASN A 264 28.48 -6.28 -12.51
CA ASN A 264 27.92 -6.02 -13.83
C ASN A 264 26.64 -6.85 -13.91
N VAL A 265 25.49 -6.21 -13.75
CA VAL A 265 24.24 -6.93 -13.80
C VAL A 265 23.33 -6.21 -14.76
N PRO A 266 22.35 -6.93 -15.35
CA PRO A 266 21.45 -6.27 -16.32
C PRO A 266 20.49 -5.27 -15.71
N ASP A 267 20.28 -4.18 -16.43
CA ASP A 267 19.36 -3.15 -16.03
C ASP A 267 17.95 -3.70 -15.79
N VAL A 268 17.19 -2.97 -14.97
CA VAL A 268 15.81 -3.27 -14.74
C VAL A 268 15.23 -2.24 -15.66
N VAL A 269 14.13 -2.57 -16.34
CA VAL A 269 13.51 -1.65 -17.30
C VAL A 269 12.05 -1.39 -17.00
N ILE A 270 11.70 -0.13 -16.88
CA ILE A 270 10.36 0.22 -16.52
C ILE A 270 9.70 1.01 -17.63
N THR A 271 8.48 0.62 -17.98
CA THR A 271 7.77 1.30 -19.05
C THR A 271 6.50 1.87 -18.47
N ILE A 272 6.24 3.16 -18.76
CA ILE A 272 5.05 3.86 -18.29
C ILE A 272 4.10 4.00 -19.46
N ALA A 273 2.85 3.60 -19.28
CA ALA A 273 1.84 3.75 -20.33
C ALA A 273 0.72 4.51 -19.69
N ASN A 274 0.42 5.66 -20.28
CA ASN A 274 -0.65 6.50 -19.73
C ASN A 274 -1.80 6.70 -20.74
N ASN A 275 -3.01 6.23 -20.43
CA ASN A 275 -4.13 6.41 -21.36
C ASN A 275 -5.34 7.00 -20.61
N ASP A 276 -6.50 7.11 -21.22
CA ASP A 276 -7.63 7.69 -20.50
C ASP A 276 -8.19 6.87 -19.38
N VAL A 277 -8.07 5.56 -19.49
CA VAL A 277 -8.59 4.68 -18.47
C VAL A 277 -7.64 4.45 -17.30
N ASP A 278 -6.42 4.02 -17.61
CA ASP A 278 -5.49 3.72 -16.53
C ASP A 278 -4.04 4.12 -16.75
N LEU A 279 -3.27 3.91 -15.70
CA LEU A 279 -1.85 4.17 -15.66
C LEU A 279 -1.33 2.76 -15.59
N ILE A 280 -0.42 2.39 -16.46
CA ILE A 280 0.17 1.06 -16.38
C ILE A 280 1.66 1.24 -16.17
N ILE A 281 2.23 0.51 -15.20
CA ILE A 281 3.66 0.59 -15.00
C ILE A 281 4.21 -0.81 -15.07
N ARG A 282 5.02 -1.11 -16.11
CA ARG A 282 5.59 -2.47 -16.26
C ARG A 282 7.04 -2.46 -15.79
N ILE A 283 7.36 -3.38 -14.90
CA ILE A 283 8.71 -3.47 -14.38
C ILE A 283 9.34 -4.78 -14.81
N SER A 284 10.28 -4.74 -15.78
CA SER A 284 10.93 -5.98 -16.31
C SER A 284 12.34 -6.14 -15.86
N ASP A 285 12.68 -7.32 -15.37
CA ASP A 285 14.04 -7.61 -14.92
C ASP A 285 14.62 -8.80 -15.69
N ARG A 286 15.92 -9.02 -15.58
CA ARG A 286 16.56 -10.16 -16.18
C ARG A 286 17.13 -10.98 -15.03
N GLY A 287 16.33 -11.20 -14.00
CA GLY A 287 16.78 -11.96 -12.85
C GLY A 287 16.44 -13.45 -12.73
N GLY A 288 16.28 -14.13 -13.87
CA GLY A 288 16.03 -15.56 -13.82
C GLY A 288 14.60 -16.02 -13.78
N GLY A 289 13.66 -15.12 -13.48
CA GLY A 289 12.26 -15.53 -13.46
C GLY A 289 11.77 -16.16 -12.17
N ILE A 290 10.47 -16.45 -12.09
CA ILE A 290 9.89 -17.11 -10.90
C ILE A 290 9.60 -18.56 -11.32
N ALA A 291 10.32 -19.50 -10.68
CA ALA A 291 10.21 -20.93 -10.99
C ALA A 291 8.81 -21.45 -11.05
N HIS A 292 8.60 -22.38 -11.99
CA HIS A 292 7.29 -23.02 -12.13
C HIS A 292 6.88 -23.62 -10.78
N LYS A 293 7.84 -24.11 -10.01
CA LYS A 293 7.48 -24.72 -8.72
C LYS A 293 7.04 -23.70 -7.66
N ASP A 294 7.23 -22.40 -7.89
CA ASP A 294 6.83 -21.38 -6.92
C ASP A 294 5.71 -20.48 -7.43
N LEU A 295 5.53 -20.43 -8.73
CA LEU A 295 4.52 -19.59 -9.32
C LEU A 295 3.20 -19.47 -8.57
N ASP A 296 2.67 -20.60 -8.09
CA ASP A 296 1.37 -20.56 -7.39
C ASP A 296 1.46 -20.23 -5.92
N ARG A 297 2.66 -20.05 -5.40
CA ARG A 297 2.76 -19.72 -3.98
C ARG A 297 3.11 -18.27 -3.77
N VAL A 298 3.86 -17.66 -4.71
CA VAL A 298 4.29 -16.27 -4.52
C VAL A 298 3.28 -15.22 -4.15
N MET A 299 1.98 -15.43 -4.46
CA MET A 299 0.92 -14.49 -4.10
C MET A 299 0.25 -14.84 -2.74
N ASP A 300 0.84 -15.76 -1.99
CA ASP A 300 0.31 -16.15 -0.70
C ASP A 300 1.02 -15.33 0.37
N TYR A 301 0.27 -14.84 1.35
CA TYR A 301 0.93 -14.08 2.40
C TYR A 301 1.88 -15.08 3.09
N HIS A 302 3.00 -14.57 3.61
CA HIS A 302 4.03 -15.33 4.27
C HIS A 302 4.95 -16.12 3.35
N PHE A 303 4.47 -16.48 2.17
CA PHE A 303 5.36 -17.24 1.30
C PHE A 303 6.57 -16.42 0.86
N THR A 304 7.73 -17.03 0.89
CA THR A 304 8.92 -16.32 0.48
C THR A 304 10.00 -17.33 0.11
N THR A 305 10.96 -16.88 -0.65
CA THR A 305 12.08 -17.69 -1.12
C THR A 305 13.32 -17.24 -0.32
N ALA A 306 13.16 -16.20 0.49
CA ALA A 306 14.28 -15.70 1.30
C ALA A 306 14.34 -16.41 2.65
N PRO A 332 15.47 -8.20 6.19
CA PRO A 332 16.57 -8.77 5.38
C PRO A 332 16.55 -8.20 3.96
N MET A 333 15.77 -7.13 3.80
CA MET A 333 15.51 -6.40 2.55
C MET A 333 14.17 -6.86 1.98
N HIS A 334 14.05 -8.15 1.69
CA HIS A 334 12.81 -8.72 1.15
C HIS A 334 11.55 -8.42 1.99
N GLY A 335 11.69 -8.46 3.31
CA GLY A 335 10.54 -8.22 4.18
C GLY A 335 10.15 -9.50 4.89
N PHE A 336 8.95 -9.99 4.60
CA PHE A 336 8.44 -11.23 5.22
C PHE A 336 7.36 -11.91 4.36
N GLY A 337 7.55 -11.90 3.05
CA GLY A 337 6.59 -12.52 2.16
C GLY A 337 5.24 -11.81 2.05
N PHE A 338 5.20 -10.50 2.28
CA PHE A 338 3.93 -9.75 2.18
C PHE A 338 3.84 -8.82 0.97
N GLY A 339 4.99 -8.46 0.40
CA GLY A 339 5.09 -7.55 -0.74
C GLY A 339 4.13 -7.71 -1.88
N LEU A 340 4.15 -8.89 -2.48
CA LEU A 340 3.29 -9.19 -3.60
C LEU A 340 1.84 -9.33 -3.24
N PRO A 341 1.49 -10.17 -2.24
CA PRO A 341 0.05 -10.27 -1.93
C PRO A 341 -0.52 -8.90 -1.46
N THR A 342 0.31 -8.12 -0.77
CA THR A 342 -0.20 -6.82 -0.33
C THR A 342 -0.41 -5.87 -1.49
N SER A 343 0.60 -5.78 -2.37
CA SER A 343 0.50 -4.88 -3.52
C SER A 343 -0.71 -5.23 -4.39
N ARG A 344 -0.92 -6.51 -4.63
N ARG A 344 -0.92 -6.52 -4.63
CA ARG A 344 -2.05 -6.88 -5.45
CA ARG A 344 -2.05 -6.90 -5.45
C ARG A 344 -3.38 -6.52 -4.77
C ARG A 344 -3.39 -6.55 -4.78
N ALA A 345 -3.47 -6.72 -3.45
CA ALA A 345 -4.70 -6.40 -2.70
C ALA A 345 -4.95 -4.89 -2.81
N TYR A 346 -3.90 -4.12 -2.53
CA TYR A 346 -4.00 -2.70 -2.71
C TYR A 346 -4.48 -2.31 -4.11
N ALA A 347 -3.83 -2.83 -5.17
CA ALA A 347 -4.21 -2.44 -6.55
C ALA A 347 -5.62 -2.81 -6.87
N GLU A 348 -6.04 -4.02 -6.47
CA GLU A 348 -7.41 -4.39 -6.81
C GLU A 348 -8.37 -3.53 -5.95
N TYR A 349 -7.99 -3.21 -4.73
CA TYR A 349 -8.87 -2.36 -3.90
C TYR A 349 -9.08 -1.02 -4.63
N LEU A 350 -8.01 -0.49 -5.19
CA LEU A 350 -8.15 0.78 -5.88
C LEU A 350 -8.80 0.68 -7.27
N GLY A 351 -9.14 -0.51 -7.74
CA GLY A 351 -9.75 -0.59 -9.04
C GLY A 351 -8.78 -1.02 -10.16
N GLY A 352 -7.55 -1.38 -9.80
CA GLY A 352 -6.59 -1.82 -10.79
C GLY A 352 -6.22 -3.27 -10.58
N SER A 353 -4.98 -3.61 -10.90
CA SER A 353 -4.50 -4.98 -10.79
C SER A 353 -2.98 -5.06 -10.80
N LEU A 354 -2.47 -6.25 -10.49
CA LEU A 354 -1.04 -6.50 -10.46
C LEU A 354 -0.91 -7.91 -11.07
N GLN A 355 -0.23 -8.01 -12.22
CA GLN A 355 -0.08 -9.31 -12.88
C GLN A 355 1.38 -9.63 -13.12
N LEU A 356 1.73 -10.89 -13.02
CA LEU A 356 3.08 -11.34 -13.21
C LEU A 356 3.27 -12.14 -14.49
N GLN A 357 4.36 -11.93 -15.19
CA GLN A 357 4.61 -12.79 -16.33
C GLN A 357 6.01 -13.31 -16.08
N SER A 358 6.15 -14.62 -15.87
CA SER A 358 7.43 -15.23 -15.63
C SER A 358 8.09 -15.87 -16.89
N LEU A 359 9.34 -15.50 -17.20
CA LEU A 359 10.08 -16.15 -18.28
C LEU A 359 11.18 -16.96 -17.58
N GLN A 360 10.84 -18.17 -17.13
CA GLN A 360 11.80 -18.99 -16.40
C GLN A 360 13.09 -19.22 -17.16
N GLY A 361 14.17 -18.81 -16.52
CA GLY A 361 15.49 -18.92 -17.08
C GLY A 361 15.92 -17.55 -17.55
N ILE A 362 15.02 -16.56 -17.56
CA ILE A 362 15.41 -15.26 -18.09
C ILE A 362 15.10 -14.07 -17.19
N GLY A 363 13.84 -13.95 -16.77
CA GLY A 363 13.44 -12.81 -15.95
C GLY A 363 11.94 -12.76 -15.72
N THR A 364 11.45 -11.64 -15.20
CA THR A 364 10.04 -11.49 -14.88
C THR A 364 9.54 -10.11 -15.25
N ASP A 365 8.31 -10.06 -15.76
CA ASP A 365 7.69 -8.76 -16.04
C ASP A 365 6.53 -8.62 -15.06
N VAL A 366 6.49 -7.48 -14.36
CA VAL A 366 5.41 -7.24 -13.43
C VAL A 366 4.59 -6.05 -13.94
N TYR A 367 3.29 -6.24 -14.09
CA TYR A 367 2.43 -5.18 -14.60
C TYR A 367 1.50 -4.62 -13.51
N LEU A 368 1.68 -3.37 -13.14
CA LEU A 368 0.87 -2.67 -12.16
C LEU A 368 -0.09 -1.76 -12.93
N ARG A 369 -1.40 -1.90 -12.72
CA ARG A 369 -2.37 -1.04 -13.40
C ARG A 369 -3.20 -0.35 -12.29
N LEU A 370 -3.38 0.96 -12.38
CA LEU A 370 -4.17 1.74 -11.42
C LEU A 370 -5.06 2.68 -12.21
N ARG A 371 -6.33 2.74 -11.87
CA ARG A 371 -7.25 3.62 -12.59
C ARG A 371 -6.98 5.08 -12.34
N HIS A 372 -7.28 5.93 -13.31
CA HIS A 372 -7.09 7.35 -13.11
C HIS A 372 -8.18 7.89 -12.19
N ILE A 373 -7.92 9.01 -11.54
CA ILE A 373 -8.87 9.64 -10.59
C ILE A 373 -10.37 9.35 -10.82
N ASP A 374 -11.06 10.14 -11.63
CA ASP A 374 -12.47 9.79 -11.88
C ASP A 374 -12.85 10.35 -13.23
N GLY A 375 -11.82 10.35 -14.09
CA GLY A 375 -11.92 10.82 -15.46
C GLY A 375 -10.71 10.24 -16.17
N ARG A 376 -10.53 10.61 -17.43
CA ARG A 376 -9.41 10.14 -18.25
C ARG A 376 -8.16 10.87 -17.78
N GLU A 377 -7.21 11.09 -18.70
CA GLU A 377 -6.00 11.84 -18.37
C GLU A 377 -4.74 11.65 -19.19
N GLU A 378 -4.06 12.78 -19.43
CA GLU A 378 -2.82 12.87 -20.20
C GLU A 378 -1.67 13.13 -19.21
#